data_2PSX
#
_entry.id   2PSX
#
_cell.length_a   125.219
_cell.length_b   67.284
_cell.length_c   39.916
_cell.angle_alpha   90.00
_cell.angle_beta   94.35
_cell.angle_gamma   90.00
#
_symmetry.space_group_name_H-M   'C 1 2 1'
#
loop_
_entity.id
_entity.type
_entity.pdbx_description
1 polymer Kallikrein-5
2 polymer LEUPEPTIN
3 branched 2-acetamido-2-deoxy-beta-D-glucopyranose-(1-4)-2-acetamido-2-deoxy-beta-D-glucopyranose
4 water water
#
loop_
_entity_poly.entity_id
_entity_poly.type
_entity_poly.pdbx_seq_one_letter_code
_entity_poly.pdbx_strand_id
1 'polypeptide(L)'
;IINGSDCDMHTQPWQAALLLRPNQLYCGAVLVHPQWLLTAAHCRKKVFRVRLGHYSLSPVYESGQQMFQGVKSIPHPGYS
HPGHSNDLMLIKLNRRIRPTKDVRPINVSSHCPSAGTKCLVSGWGTTKSPQVHFPKVLQCLNISVLSQKRCEDAYPRQID
DTMFCAGDKAGRDSCQGDSGGPVVCNGSLQGLVSWGDYPCARPNRPGVYTNLCKFTKWIQETIQANS
;
A
2 'polypeptide(L)' (ACE)LL(AR7) B
#
loop_
_chem_comp.id
_chem_comp.type
_chem_comp.name
_chem_comp.formula
ACE non-polymer 'ACETYL GROUP' 'C2 H4 O'
AR7 peptide-like amino{[(4S)-4-amino-5,5-dihydroxypentyl]amino}methaniminium 'C6 H17 N4 O2 1'
NAG D-saccharide, beta linking 2-acetamido-2-deoxy-beta-D-glucopyranose 'C8 H15 N O6'
#
# COMPACT_ATOMS: atom_id res chain seq x y z
N ILE A 1 8.97 -6.47 -0.91
CA ILE A 1 8.67 -7.31 0.27
C ILE A 1 9.85 -8.20 0.61
N ILE A 2 10.40 -8.03 1.80
CA ILE A 2 11.56 -8.83 2.21
C ILE A 2 11.20 -10.11 2.98
N ASN A 3 11.72 -11.24 2.52
CA ASN A 3 11.48 -12.52 3.16
C ASN A 3 10.00 -12.91 3.11
N GLY A 4 9.32 -12.50 2.04
CA GLY A 4 7.92 -12.87 1.91
C GLY A 4 7.82 -14.06 0.99
N SER A 5 6.60 -14.46 0.65
CA SER A 5 6.41 -15.58 -0.27
C SER A 5 5.48 -15.18 -1.43
N ASP A 6 5.54 -15.91 -2.54
CA ASP A 6 4.69 -15.58 -3.69
C ASP A 6 3.25 -15.66 -3.24
N CYS A 7 2.47 -14.62 -3.59
CA CYS A 7 1.08 -14.58 -3.19
C CYS A 7 0.34 -15.67 -3.93
N ASP A 8 -0.82 -16.08 -3.41
CA ASP A 8 -1.61 -17.10 -4.08
C ASP A 8 -2.42 -16.36 -5.15
N MET A 9 -2.36 -16.86 -6.37
CA MET A 9 -3.09 -16.27 -7.49
C MET A 9 -4.55 -16.01 -7.18
N HIS A 10 -5.09 -14.95 -7.76
CA HIS A 10 -6.49 -14.56 -7.59
C HIS A 10 -6.87 -14.00 -6.22
N THR A 11 -5.96 -14.06 -5.25
CA THR A 11 -6.23 -13.48 -3.95
C THR A 11 -5.70 -12.05 -4.06
N GLN A 12 -6.25 -11.12 -3.30
CA GLN A 12 -5.82 -9.73 -3.42
C GLN A 12 -6.19 -9.11 -4.79
N PRO A 13 -7.47 -9.22 -5.20
CA PRO A 13 -7.90 -8.64 -6.49
C PRO A 13 -8.02 -7.11 -6.40
N TRP A 14 -7.69 -6.59 -5.22
CA TRP A 14 -7.74 -5.15 -4.96
C TRP A 14 -6.36 -4.54 -5.08
N GLN A 15 -5.35 -5.39 -5.25
CA GLN A 15 -3.97 -4.91 -5.38
C GLN A 15 -3.82 -4.23 -6.73
N ALA A 16 -3.22 -3.05 -6.73
CA ALA A 16 -3.03 -2.29 -7.94
C ALA A 16 -1.56 -1.94 -8.08
N ALA A 17 -1.17 -1.59 -9.31
CA ALA A 17 0.20 -1.18 -9.56
C ALA A 17 0.15 0.14 -10.30
N LEU A 18 1.04 1.06 -9.92
CA LEU A 18 1.13 2.37 -10.55
C LEU A 18 2.35 2.32 -11.46
N LEU A 19 2.09 2.35 -12.76
CA LEU A 19 3.16 2.24 -13.75
C LEU A 19 3.51 3.57 -14.39
N LEU A 20 4.76 3.67 -14.83
CA LEU A 20 5.26 4.86 -15.50
C LEU A 20 5.84 4.40 -16.83
N ARG A 21 5.65 5.21 -17.87
CA ARG A 21 6.17 4.85 -19.20
C ARG A 21 7.68 4.61 -19.21
N PRO A 22 8.11 3.49 -19.82
CA PRO A 22 7.27 2.49 -20.49
C PRO A 22 6.43 1.69 -19.49
N ASN A 23 7.11 0.89 -18.67
CA ASN A 23 6.46 0.07 -17.65
C ASN A 23 7.30 0.04 -16.37
N GLN A 24 7.55 1.23 -15.83
CA GLN A 24 8.33 1.37 -14.62
C GLN A 24 7.36 1.24 -13.44
N LEU A 25 7.46 0.12 -12.72
CA LEU A 25 6.58 -0.09 -11.57
C LEU A 25 7.00 0.73 -10.35
N TYR A 26 6.30 1.83 -10.11
CA TYR A 26 6.61 2.69 -8.96
C TYR A 26 5.38 2.65 -8.03
N CYS A 27 5.59 2.43 -6.74
CA CYS A 27 4.46 2.37 -5.80
C CYS A 27 3.35 1.39 -6.16
N GLY A 28 2.67 0.93 -5.11
CA GLY A 28 1.55 0.03 -5.25
C GLY A 28 0.33 0.88 -4.93
N ALA A 29 -0.87 0.32 -5.04
CA ALA A 29 -2.08 1.07 -4.75
C ALA A 29 -3.16 0.09 -4.43
N VAL A 30 -4.30 0.60 -3.99
CA VAL A 30 -5.36 -0.29 -3.61
C VAL A 30 -6.74 0.17 -4.09
N LEU A 31 -7.45 -0.72 -4.77
CA LEU A 31 -8.79 -0.42 -5.24
C LEU A 31 -9.75 -0.49 -4.06
N VAL A 32 -10.35 0.65 -3.72
CA VAL A 32 -11.28 0.72 -2.60
C VAL A 32 -12.69 1.12 -3.06
N HIS A 33 -12.88 1.23 -4.37
CA HIS A 33 -14.18 1.63 -4.93
C HIS A 33 -14.13 1.34 -6.43
N PRO A 34 -15.27 1.00 -7.02
CA PRO A 34 -15.34 0.71 -8.46
C PRO A 34 -14.52 1.65 -9.34
N GLN A 35 -14.34 2.90 -8.90
CA GLN A 35 -13.58 3.82 -9.72
C GLN A 35 -12.53 4.60 -8.93
N TRP A 36 -12.22 4.15 -7.72
CA TRP A 36 -11.24 4.85 -6.90
C TRP A 36 -10.18 3.97 -6.26
N LEU A 37 -8.93 4.43 -6.34
CA LEU A 37 -7.81 3.72 -5.78
C LEU A 37 -7.29 4.54 -4.63
N LEU A 38 -6.50 3.90 -3.78
CA LEU A 38 -5.90 4.58 -2.64
C LEU A 38 -4.39 4.29 -2.71
N THR A 39 -3.56 5.28 -2.40
CA THR A 39 -2.11 5.06 -2.42
C THR A 39 -1.48 6.08 -1.47
N ALA A 40 -0.16 6.02 -1.29
CA ALA A 40 0.54 6.98 -0.42
C ALA A 40 0.59 8.34 -1.10
N ALA A 41 0.51 9.41 -0.32
CA ALA A 41 0.57 10.77 -0.89
C ALA A 41 1.94 11.04 -1.52
N HIS A 42 2.98 10.40 -1.02
CA HIS A 42 4.31 10.63 -1.57
C HIS A 42 4.54 9.90 -2.88
N CYS A 43 3.49 9.24 -3.37
CA CYS A 43 3.56 8.52 -4.64
C CYS A 43 2.92 9.35 -5.77
N ARG A 44 2.57 10.58 -5.47
CA ARG A 44 1.92 11.44 -6.47
C ARG A 44 2.75 11.62 -7.73
N LYS A 45 2.10 11.44 -8.88
CA LYS A 45 2.74 11.56 -10.18
C LYS A 45 1.77 12.25 -11.13
N LYS A 46 2.29 13.02 -12.08
CA LYS A 46 1.42 13.72 -13.01
C LYS A 46 0.92 12.79 -14.13
N VAL A 47 1.85 12.06 -14.75
CA VAL A 47 1.50 11.13 -15.82
C VAL A 47 1.77 9.70 -15.38
N PHE A 48 0.78 8.83 -15.49
CA PHE A 48 0.96 7.45 -15.09
C PHE A 48 -0.20 6.55 -15.50
N ARG A 49 0.03 5.24 -15.43
CA ARG A 49 -0.99 4.25 -15.79
C ARG A 49 -1.32 3.40 -14.56
N VAL A 50 -2.48 2.75 -14.60
CA VAL A 50 -2.93 1.90 -13.50
C VAL A 50 -3.18 0.48 -13.99
N ARG A 51 -2.50 -0.49 -13.42
CA ARG A 51 -2.68 -1.88 -13.81
C ARG A 51 -3.28 -2.67 -12.68
N LEU A 52 -4.39 -3.36 -12.95
CA LEU A 52 -5.09 -4.18 -11.96
C LEU A 52 -5.26 -5.59 -12.50
N GLY A 53 -5.50 -6.56 -11.60
CA GLY A 53 -5.69 -7.94 -11.99
C GLY A 53 -4.48 -8.52 -12.73
N HIS A 54 -3.29 -8.18 -12.27
CA HIS A 54 -2.05 -8.66 -12.89
C HIS A 54 -1.14 -9.18 -11.79
N TYR A 55 -0.70 -10.43 -11.94
CA TYR A 55 0.14 -11.11 -10.96
C TYR A 55 1.64 -10.82 -11.04
N SER A 56 2.23 -10.99 -12.22
CA SER A 56 3.66 -10.75 -12.34
C SER A 56 4.04 -9.28 -12.43
N LEU A 57 5.32 -9.00 -12.27
CA LEU A 57 5.81 -7.62 -12.34
C LEU A 57 5.94 -7.14 -13.79
N SER A 58 6.57 -7.96 -14.63
CA SER A 58 6.76 -7.62 -16.04
C SER A 58 5.42 -7.45 -16.72
N PRO A 59 5.38 -6.65 -17.80
CA PRO A 59 4.16 -6.39 -18.56
C PRO A 59 3.62 -7.61 -19.33
N VAL A 60 4.05 -8.79 -18.91
CA VAL A 60 3.59 -10.03 -19.55
C VAL A 60 2.08 -10.08 -19.51
N TYR A 61 1.45 -10.12 -20.68
CA TYR A 61 -0.02 -10.16 -20.75
C TYR A 61 -0.64 -11.28 -19.92
N GLU A 62 -1.76 -10.95 -19.29
CA GLU A 62 -2.47 -11.91 -18.44
C GLU A 62 -3.97 -11.69 -18.59
N SER A 63 -4.73 -12.77 -18.50
CA SER A 63 -6.18 -12.67 -18.60
C SER A 63 -6.70 -12.23 -17.23
N GLY A 64 -7.69 -11.35 -17.24
CA GLY A 64 -8.22 -10.85 -15.98
C GLY A 64 -7.60 -9.49 -15.69
N GLN A 65 -6.52 -9.19 -16.40
CA GLN A 65 -5.80 -7.94 -16.28
C GLN A 65 -6.63 -6.77 -16.83
N GLN A 66 -6.49 -5.59 -16.21
CA GLN A 66 -7.21 -4.38 -16.62
C GLN A 66 -6.33 -3.14 -16.43
N MET A 67 -6.32 -2.29 -17.45
CA MET A 67 -5.51 -1.09 -17.44
C MET A 67 -6.38 0.17 -17.43
N PHE A 68 -5.94 1.17 -16.67
CA PHE A 68 -6.66 2.44 -16.55
C PHE A 68 -5.69 3.60 -16.50
N GLN A 69 -6.23 4.80 -16.39
CA GLN A 69 -5.42 6.00 -16.30
C GLN A 69 -5.92 6.82 -15.13
N GLY A 70 -5.02 7.57 -14.51
CA GLY A 70 -5.39 8.41 -13.39
C GLY A 70 -5.94 9.72 -13.91
N VAL A 71 -7.20 9.97 -13.63
CA VAL A 71 -7.85 11.19 -14.08
C VAL A 71 -7.83 12.29 -13.02
N LYS A 72 -7.57 11.91 -11.76
CA LYS A 72 -7.54 12.92 -10.69
C LYS A 72 -6.86 12.37 -9.44
N SER A 73 -5.90 13.13 -8.91
CA SER A 73 -5.17 12.75 -7.70
C SER A 73 -5.46 13.73 -6.58
N ILE A 74 -5.91 13.19 -5.45
CA ILE A 74 -6.25 14.04 -4.32
C ILE A 74 -5.53 13.58 -3.05
N PRO A 75 -4.40 14.21 -2.73
CA PRO A 75 -3.68 13.80 -1.52
C PRO A 75 -4.35 14.41 -0.31
N HIS A 76 -4.30 13.73 0.83
CA HIS A 76 -4.91 14.29 2.03
C HIS A 76 -4.29 15.65 2.29
N PRO A 77 -5.11 16.65 2.66
CA PRO A 77 -4.67 18.02 2.95
C PRO A 77 -3.60 18.12 4.02
N GLY A 78 -3.61 17.20 4.97
CA GLY A 78 -2.61 17.25 6.04
C GLY A 78 -1.23 16.73 5.69
N TYR A 79 -1.07 16.09 4.53
CA TYR A 79 0.24 15.56 4.15
C TYR A 79 1.26 16.67 3.95
N SER A 80 2.35 16.60 4.72
CA SER A 80 3.41 17.61 4.64
C SER A 80 4.65 17.04 3.99
N HIS A 81 5.12 17.74 2.98
CA HIS A 81 6.32 17.34 2.25
C HIS A 81 7.43 16.74 3.12
N PRO A 82 7.66 17.26 4.34
CA PRO A 82 8.72 16.70 5.18
C PRO A 82 8.26 15.54 6.08
N GLY A 83 7.16 15.77 6.80
CA GLY A 83 6.64 14.76 7.69
C GLY A 83 5.91 13.65 6.97
N HIS A 84 5.81 12.51 7.63
CA HIS A 84 5.17 11.36 7.06
C HIS A 84 3.69 11.26 7.43
N SER A 85 3.15 12.27 8.11
CA SER A 85 1.76 12.23 8.53
C SER A 85 0.78 12.36 7.39
N ASN A 86 -0.39 11.74 7.55
CA ASN A 86 -1.46 11.82 6.55
C ASN A 86 -0.94 11.34 5.22
N ASP A 87 -0.24 10.21 5.22
CA ASP A 87 0.34 9.70 3.99
C ASP A 87 -0.61 8.82 3.17
N LEU A 88 -1.66 9.44 2.63
CA LEU A 88 -2.62 8.75 1.79
C LEU A 88 -3.17 9.70 0.72
N MET A 89 -3.54 9.14 -0.41
CA MET A 89 -4.06 9.93 -1.52
C MET A 89 -5.11 9.16 -2.30
N LEU A 90 -6.10 9.87 -2.80
CA LEU A 90 -7.13 9.23 -3.58
C LEU A 90 -6.88 9.41 -5.08
N ILE A 91 -7.02 8.33 -5.83
CA ILE A 91 -6.84 8.39 -7.26
C ILE A 91 -8.09 7.90 -7.97
N LYS A 92 -8.63 8.74 -8.84
CA LYS A 92 -9.82 8.39 -9.61
C LYS A 92 -9.40 7.84 -11.00
N LEU A 93 -10.03 6.73 -11.38
CA LEU A 93 -9.74 6.07 -12.65
C LEU A 93 -10.59 6.71 -13.76
N ASN A 94 -10.12 6.61 -15.00
CA ASN A 94 -10.85 7.19 -16.13
C ASN A 94 -12.22 6.54 -16.27
N ARG A 95 -12.34 5.28 -15.83
CA ARG A 95 -13.62 4.58 -15.92
C ARG A 95 -13.77 3.59 -14.77
N ARG A 96 -14.98 3.09 -14.58
CA ARG A 96 -15.24 2.12 -13.52
C ARG A 96 -14.63 0.79 -13.91
N ILE A 97 -14.16 0.03 -12.92
CA ILE A 97 -13.57 -1.26 -13.22
C ILE A 97 -14.62 -2.30 -13.60
N ARG A 98 -14.17 -3.36 -14.27
CA ARG A 98 -15.07 -4.44 -14.66
C ARG A 98 -14.89 -5.51 -13.59
N PRO A 99 -15.88 -5.64 -12.70
CA PRO A 99 -15.84 -6.62 -11.60
C PRO A 99 -15.60 -8.07 -12.03
N THR A 100 -14.45 -8.60 -11.61
CA THR A 100 -14.10 -9.99 -11.92
C THR A 100 -13.42 -10.60 -10.71
N LYS A 101 -12.99 -11.85 -10.83
CA LYS A 101 -12.34 -12.51 -9.71
C LYS A 101 -10.95 -11.96 -9.49
N ASP A 102 -10.44 -11.27 -10.51
CA ASP A 102 -9.11 -10.71 -10.43
C ASP A 102 -9.10 -9.23 -10.06
N VAL A 103 -10.20 -8.54 -10.30
CA VAL A 103 -10.28 -7.11 -10.01
C VAL A 103 -11.49 -6.84 -9.14
N ARG A 104 -11.27 -6.66 -7.85
CA ARG A 104 -12.35 -6.41 -6.90
C ARG A 104 -11.88 -5.48 -5.80
N PRO A 105 -12.68 -4.45 -5.48
CA PRO A 105 -12.31 -3.49 -4.44
C PRO A 105 -12.42 -4.08 -3.04
N ILE A 106 -11.80 -3.40 -2.08
CA ILE A 106 -11.83 -3.85 -0.71
C ILE A 106 -12.29 -2.68 0.15
N ASN A 107 -12.89 -3.00 1.29
CA ASN A 107 -13.41 -1.98 2.20
C ASN A 107 -12.33 -1.50 3.15
N VAL A 108 -12.48 -0.27 3.61
CA VAL A 108 -11.53 0.33 4.54
C VAL A 108 -12.08 0.17 5.95
N SER A 109 -11.32 -0.45 6.82
CA SER A 109 -11.77 -0.68 8.19
C SER A 109 -11.95 0.62 8.96
N SER A 110 -13.05 0.72 9.70
CA SER A 110 -13.30 1.92 10.50
C SER A 110 -12.62 1.75 11.87
N HIS A 111 -12.36 0.51 12.26
CA HIS A 111 -11.75 0.21 13.55
C HIS A 111 -10.23 0.16 13.42
N CYS A 112 -9.53 0.88 14.30
CA CYS A 112 -8.07 0.88 14.23
C CYS A 112 -7.50 -0.43 14.71
N PRO A 113 -6.30 -0.79 14.23
CA PRO A 113 -5.61 -2.02 14.58
C PRO A 113 -5.06 -2.06 16.00
N SER A 114 -5.38 -3.13 16.73
CA SER A 114 -4.90 -3.27 18.10
C SER A 114 -3.69 -4.19 18.07
N ALA A 115 -2.74 -3.94 18.98
CA ALA A 115 -1.52 -4.75 19.04
C ALA A 115 -1.80 -6.26 18.92
N GLY A 116 -0.91 -6.99 18.28
CA GLY A 116 -1.10 -8.41 18.12
C GLY A 116 -1.86 -8.80 16.87
N THR A 117 -2.60 -7.85 16.30
CA THR A 117 -3.36 -8.14 15.08
C THR A 117 -2.44 -8.55 13.95
N LYS A 118 -2.76 -9.68 13.34
CA LYS A 118 -1.97 -10.22 12.24
C LYS A 118 -2.49 -9.65 10.92
N CYS A 119 -1.60 -9.07 10.12
CA CYS A 119 -2.02 -8.48 8.86
C CYS A 119 -1.26 -9.04 7.68
N LEU A 120 -1.78 -8.80 6.47
CA LEU A 120 -1.13 -9.27 5.28
C LEU A 120 -0.70 -8.07 4.42
N VAL A 121 0.60 -7.95 4.15
CA VAL A 121 1.12 -6.86 3.31
C VAL A 121 1.65 -7.47 2.00
N SER A 122 1.50 -6.75 0.90
CA SER A 122 1.93 -7.26 -0.40
C SER A 122 2.46 -6.20 -1.32
N GLY A 123 3.31 -6.61 -2.27
CA GLY A 123 3.86 -5.66 -3.22
C GLY A 123 4.93 -6.28 -4.09
N TRP A 124 5.30 -5.55 -5.15
CA TRP A 124 6.33 -5.98 -6.10
C TRP A 124 7.66 -5.30 -5.74
N GLY A 125 7.75 -4.76 -4.52
CA GLY A 125 8.97 -4.10 -4.09
C GLY A 125 10.17 -5.01 -4.02
N THR A 126 11.35 -4.42 -3.84
CA THR A 126 12.57 -5.20 -3.76
C THR A 126 12.46 -6.22 -2.63
N THR A 127 13.02 -7.42 -2.85
CA THR A 127 12.99 -8.49 -1.87
C THR A 127 14.29 -8.51 -1.07
N LYS A 128 15.17 -7.56 -1.37
CA LYS A 128 16.47 -7.46 -0.68
C LYS A 128 16.81 -6.00 -0.39
N SER A 129 17.62 -5.77 0.64
CA SER A 129 18.00 -4.41 1.01
C SER A 129 19.30 -4.49 1.78
N PRO A 130 20.24 -3.57 1.51
CA PRO A 130 20.14 -2.48 0.53
C PRO A 130 20.26 -2.90 -0.93
N GLN A 131 20.67 -4.14 -1.18
CA GLN A 131 20.81 -4.61 -2.54
C GLN A 131 19.45 -4.78 -3.23
N VAL A 132 19.32 -4.19 -4.42
CA VAL A 132 18.08 -4.27 -5.16
C VAL A 132 17.86 -5.63 -5.84
N HIS A 133 16.64 -6.13 -5.71
CA HIS A 133 16.26 -7.41 -6.30
C HIS A 133 14.74 -7.50 -6.40
N PHE A 134 14.21 -7.21 -7.59
CA PHE A 134 12.77 -7.26 -7.78
C PHE A 134 12.29 -8.69 -7.99
N PRO A 135 11.08 -9.00 -7.50
CA PRO A 135 10.54 -10.36 -7.65
C PRO A 135 9.95 -10.56 -9.03
N LYS A 136 9.44 -11.76 -9.29
CA LYS A 136 8.83 -12.05 -10.57
C LYS A 136 7.33 -11.80 -10.48
N VAL A 137 6.77 -12.08 -9.30
CA VAL A 137 5.34 -11.92 -9.06
C VAL A 137 5.06 -11.27 -7.70
N LEU A 138 3.81 -10.87 -7.50
CA LEU A 138 3.36 -10.24 -6.28
C LEU A 138 3.83 -11.02 -5.05
N GLN A 139 4.43 -10.33 -4.10
CA GLN A 139 4.94 -10.92 -2.87
C GLN A 139 4.00 -10.68 -1.69
N CYS A 140 3.88 -11.69 -0.83
CA CYS A 140 2.99 -11.61 0.32
C CYS A 140 3.73 -11.86 1.63
N LEU A 141 3.32 -11.15 2.68
CA LEU A 141 3.97 -11.29 3.97
C LEU A 141 3.03 -10.99 5.12
N ASN A 142 3.03 -11.86 6.12
CA ASN A 142 2.21 -11.64 7.31
C ASN A 142 3.02 -10.79 8.29
N ILE A 143 2.36 -9.83 8.92
CA ILE A 143 3.02 -8.95 9.89
C ILE A 143 2.04 -8.60 11.01
N SER A 144 2.54 -8.52 12.23
CA SER A 144 1.68 -8.20 13.35
C SER A 144 1.86 -6.77 13.78
N VAL A 145 0.73 -6.14 14.10
CA VAL A 145 0.72 -4.74 14.52
C VAL A 145 1.27 -4.61 15.93
N LEU A 146 2.15 -3.63 16.13
CA LEU A 146 2.75 -3.36 17.42
C LEU A 146 1.94 -2.29 18.15
N SER A 147 2.16 -2.19 19.46
CA SER A 147 1.47 -1.19 20.26
C SER A 147 2.03 0.16 19.87
N GLN A 148 1.18 1.19 19.89
CA GLN A 148 1.61 2.53 19.53
C GLN A 148 2.77 2.96 20.41
N LYS A 149 2.80 2.47 21.65
CA LYS A 149 3.87 2.81 22.58
C LYS A 149 5.22 2.32 22.04
N ARG A 150 5.28 1.05 21.67
CA ARG A 150 6.50 0.48 21.12
C ARG A 150 6.85 1.18 19.80
N CYS A 151 5.82 1.51 19.02
CA CYS A 151 6.01 2.18 17.75
C CYS A 151 6.71 3.51 17.99
N GLU A 152 6.32 4.19 19.06
CA GLU A 152 6.90 5.48 19.39
C GLU A 152 8.35 5.40 19.84
N ASP A 153 8.72 4.32 20.50
CA ASP A 153 10.10 4.19 20.96
C ASP A 153 11.04 3.99 19.79
N ALA A 154 10.68 3.07 18.90
CA ALA A 154 11.51 2.77 17.74
C ALA A 154 11.73 4.01 16.88
N TYR A 155 10.71 4.86 16.80
CA TYR A 155 10.81 6.08 16.02
C TYR A 155 10.32 7.25 16.85
N PRO A 156 11.15 7.73 17.78
CA PRO A 156 10.78 8.85 18.64
C PRO A 156 10.57 10.17 17.93
N ARG A 157 9.52 10.88 18.36
CA ARG A 157 9.17 12.19 17.81
C ARG A 157 8.85 12.20 16.31
N GLN A 158 8.81 11.03 15.68
CA GLN A 158 8.50 10.96 14.25
C GLN A 158 7.27 10.08 13.99
N ILE A 159 6.96 9.23 14.95
CA ILE A 159 5.81 8.36 14.85
C ILE A 159 4.58 9.21 15.17
N ASP A 160 3.49 8.94 14.48
CA ASP A 160 2.28 9.75 14.69
C ASP A 160 1.02 8.90 14.84
N ASP A 161 -0.08 9.56 15.16
CA ASP A 161 -1.35 8.89 15.32
C ASP A 161 -2.00 8.46 13.97
N THR A 162 -1.58 9.10 12.87
CA THR A 162 -2.12 8.77 11.55
C THR A 162 -1.30 7.63 10.94
N MET A 163 -0.52 6.96 11.78
CA MET A 163 0.30 5.85 11.31
C MET A 163 0.43 4.77 12.37
N PHE A 164 0.86 3.58 11.95
CA PHE A 164 1.05 2.50 12.91
C PHE A 164 2.19 1.61 12.46
N CYS A 165 2.83 0.95 13.41
CA CYS A 165 3.95 0.08 13.12
C CYS A 165 3.50 -1.39 13.05
N ALA A 166 4.11 -2.16 12.15
CA ALA A 166 3.76 -3.56 12.01
C ALA A 166 4.97 -4.38 11.55
N GLY A 167 5.12 -5.58 12.12
CA GLY A 167 6.24 -6.43 11.75
C GLY A 167 7.26 -6.64 12.86
N ASP A 168 7.12 -7.72 13.61
CA ASP A 168 8.06 -8.01 14.69
C ASP A 168 9.09 -9.06 14.31
N LYS A 169 8.65 -10.09 13.58
CA LYS A 169 9.52 -11.16 13.14
C LYS A 169 10.78 -10.63 12.45
N ALA A 170 11.88 -11.35 12.62
CA ALA A 170 13.18 -10.98 12.05
C ALA A 170 13.32 -11.24 10.56
N GLY A 171 13.88 -10.25 9.85
CA GLY A 171 14.09 -10.39 8.42
C GLY A 171 12.85 -10.19 7.55
N ARG A 172 11.71 -9.98 8.20
CA ARG A 172 10.44 -9.78 7.49
C ARG A 172 10.00 -8.31 7.59
N ASP A 173 9.77 -7.69 6.44
CA ASP A 173 9.35 -6.29 6.42
C ASP A 173 9.09 -5.85 4.98
N SER A 174 8.46 -4.69 4.84
CA SER A 174 8.16 -4.14 3.54
C SER A 174 9.39 -3.35 3.12
N CYS A 175 9.50 -2.95 1.86
CA CYS A 175 10.67 -2.22 1.43
C CYS A 175 10.37 -1.30 0.25
N GLN A 176 11.41 -0.68 -0.29
CA GLN A 176 11.26 0.22 -1.41
C GLN A 176 10.54 -0.47 -2.55
N GLY A 177 9.58 0.24 -3.13
CA GLY A 177 8.82 -0.32 -4.23
C GLY A 177 7.46 -0.81 -3.79
N ASP A 178 7.24 -0.97 -2.49
CA ASP A 178 5.96 -1.42 -1.96
C ASP A 178 5.03 -0.29 -1.48
N SER A 179 5.57 0.92 -1.39
CA SER A 179 4.80 2.10 -0.97
C SER A 179 3.45 2.20 -1.67
N GLY A 180 2.43 2.58 -0.92
CA GLY A 180 1.11 2.70 -1.47
C GLY A 180 0.41 1.35 -1.51
N GLY A 181 1.15 0.28 -1.23
CA GLY A 181 0.58 -1.06 -1.21
C GLY A 181 -0.36 -1.29 -0.05
N PRO A 182 -1.22 -2.31 -0.13
CA PRO A 182 -2.18 -2.63 0.90
C PRO A 182 -1.70 -3.44 2.10
N VAL A 183 -2.27 -3.13 3.27
CA VAL A 183 -2.00 -3.88 4.52
C VAL A 183 -3.41 -4.31 4.93
N VAL A 184 -3.70 -5.60 4.78
CA VAL A 184 -5.03 -6.14 5.10
C VAL A 184 -5.06 -6.93 6.40
N CYS A 185 -6.01 -6.61 7.26
CA CYS A 185 -6.19 -7.30 8.55
C CYS A 185 -7.70 -7.52 8.68
N ASN A 186 -8.09 -8.68 9.17
CA ASN A 186 -9.50 -9.00 9.39
C ASN A 186 -10.32 -8.83 8.11
N GLY A 187 -9.71 -9.10 6.96
CA GLY A 187 -10.41 -8.99 5.70
C GLY A 187 -10.68 -7.59 5.18
N SER A 188 -10.15 -6.57 5.83
CA SER A 188 -10.34 -5.21 5.37
C SER A 188 -9.02 -4.45 5.25
N LEU A 189 -9.04 -3.33 4.51
CA LEU A 189 -7.84 -2.51 4.31
C LEU A 189 -7.56 -1.71 5.58
N GLN A 190 -6.45 -1.99 6.26
CA GLN A 190 -6.11 -1.28 7.50
C GLN A 190 -5.04 -0.23 7.30
N GLY A 191 -4.18 -0.45 6.31
CA GLY A 191 -3.15 0.54 6.10
C GLY A 191 -2.52 0.54 4.72
N LEU A 192 -1.49 1.36 4.58
CA LEU A 192 -0.75 1.45 3.33
C LEU A 192 0.72 1.50 3.68
N VAL A 193 1.54 0.89 2.83
CA VAL A 193 2.98 0.93 3.00
C VAL A 193 3.36 2.40 2.92
N SER A 194 3.98 2.91 3.97
CA SER A 194 4.38 4.31 3.99
C SER A 194 5.89 4.48 4.03
N TRP A 195 6.50 4.08 5.14
CA TRP A 195 7.94 4.21 5.29
C TRP A 195 8.48 3.29 6.37
N GLY A 196 9.78 3.33 6.55
CA GLY A 196 10.42 2.49 7.54
C GLY A 196 11.90 2.82 7.58
N ASP A 197 12.66 2.07 8.37
CA ASP A 197 14.10 2.29 8.46
C ASP A 197 14.79 1.72 7.24
N TYR A 198 16.06 2.10 7.06
CA TYR A 198 16.86 1.67 5.92
C TYR A 198 18.29 1.30 6.33
N PRO A 199 18.80 0.14 5.86
CA PRO A 199 18.10 -0.80 4.98
C PRO A 199 16.93 -1.50 5.68
N CYS A 200 15.97 -1.96 4.88
CA CYS A 200 14.78 -2.63 5.36
C CYS A 200 15.09 -3.89 6.13
N ALA A 201 14.14 -4.33 6.94
CA ALA A 201 14.23 -5.55 7.72
C ALA A 201 15.20 -5.53 8.92
N ARG A 202 15.58 -4.34 9.36
CA ARG A 202 16.48 -4.25 10.51
C ARG A 202 15.73 -4.67 11.77
N PRO A 203 16.37 -5.48 12.63
CA PRO A 203 15.73 -5.94 13.86
C PRO A 203 15.27 -4.79 14.77
N ASN A 204 14.12 -4.99 15.41
CA ASN A 204 13.53 -3.99 16.31
C ASN A 204 13.22 -2.69 15.57
N ARG A 205 13.12 -2.76 14.25
CA ARG A 205 12.80 -1.59 13.44
C ARG A 205 11.65 -1.95 12.49
N PRO A 206 10.41 -1.90 13.00
CA PRO A 206 9.23 -2.21 12.21
C PRO A 206 8.87 -1.19 11.12
N GLY A 207 8.14 -1.64 10.11
CA GLY A 207 7.71 -0.74 9.05
C GLY A 207 6.59 0.14 9.57
N VAL A 208 6.45 1.34 9.00
CA VAL A 208 5.39 2.26 9.42
C VAL A 208 4.37 2.36 8.31
N TYR A 209 3.09 2.21 8.66
CA TYR A 209 2.01 2.25 7.70
C TYR A 209 0.95 3.27 8.06
N THR A 210 0.33 3.84 7.03
CA THR A 210 -0.72 4.84 7.20
C THR A 210 -1.90 4.16 7.89
N ASN A 211 -2.37 4.79 8.97
CA ASN A 211 -3.49 4.29 9.78
C ASN A 211 -4.80 4.77 9.13
N LEU A 212 -5.27 3.99 8.17
CA LEU A 212 -6.49 4.32 7.44
C LEU A 212 -7.75 4.52 8.23
N CYS A 213 -7.83 3.90 9.41
CA CYS A 213 -9.02 4.01 10.26
C CYS A 213 -9.32 5.46 10.60
N LYS A 214 -8.31 6.31 10.50
CA LYS A 214 -8.47 7.74 10.82
C LYS A 214 -8.99 8.59 9.64
N PHE A 215 -9.19 7.97 8.48
CA PHE A 215 -9.60 8.76 7.32
C PHE A 215 -10.83 8.27 6.57
N THR A 216 -11.59 7.36 7.19
CA THR A 216 -12.76 6.81 6.54
C THR A 216 -13.71 7.90 6.08
N LYS A 217 -13.97 8.86 6.95
CA LYS A 217 -14.88 9.93 6.58
C LYS A 217 -14.37 10.76 5.41
N TRP A 218 -13.10 11.16 5.47
CA TRP A 218 -12.52 11.96 4.41
C TRP A 218 -12.57 11.19 3.09
N ILE A 219 -12.23 9.90 3.12
CA ILE A 219 -12.25 9.06 1.93
C ILE A 219 -13.65 9.02 1.30
N GLN A 220 -14.68 8.82 2.12
CA GLN A 220 -16.05 8.75 1.64
C GLN A 220 -16.52 10.10 1.11
N GLU A 221 -16.24 11.15 1.87
CA GLU A 221 -16.66 12.48 1.45
C GLU A 221 -15.99 12.90 0.15
N THR A 222 -14.69 12.66 0.05
CA THR A 222 -13.95 13.02 -1.15
C THR A 222 -14.49 12.25 -2.36
N ILE A 223 -14.79 10.97 -2.18
CA ILE A 223 -15.31 10.16 -3.28
C ILE A 223 -16.67 10.69 -3.73
N GLN A 224 -17.51 11.03 -2.76
CA GLN A 224 -18.83 11.53 -3.09
C GLN A 224 -18.78 12.89 -3.75
N ALA A 225 -17.83 13.72 -3.33
CA ALA A 225 -17.72 15.05 -3.89
C ALA A 225 -17.27 15.04 -5.33
N ASN A 226 -16.54 13.99 -5.72
CA ASN A 226 -16.02 13.84 -7.07
C ASN A 226 -16.70 12.75 -7.90
N SER A 227 -17.97 12.48 -7.56
CA SER A 227 -18.76 11.49 -8.28
C SER A 227 -19.72 12.15 -9.27
C ACE B 1 12.72 7.04 6.73
O ACE B 1 12.43 8.23 6.51
CH3 ACE B 1 12.91 6.54 8.16
N LEU B 2 12.94 6.14 5.78
CA LEU B 2 12.83 6.47 4.34
C LEU B 2 11.47 6.05 3.79
N LEU B 3 11.03 6.82 2.81
CA LEU B 3 9.74 6.56 2.13
C LEU B 3 9.91 5.32 1.25
N AR7 B 4 8.86 4.51 1.21
CA AR7 B 4 8.87 3.28 0.41
C AR7 B 4 7.89 3.42 -0.76
O AR7 B 4 7.94 2.24 -1.57
CB AR7 B 4 8.49 2.11 1.30
CG AR7 B 4 9.54 1.91 2.40
CD AR7 B 4 9.16 0.78 3.35
NE AR7 B 4 10.29 0.56 4.28
CZ AR7 B 4 10.20 -0.32 5.27
NH1 AR7 B 4 11.25 -0.53 6.05
NH2 AR7 B 4 9.08 -1.03 5.46
C1 NAG C . -0.60 -15.52 6.75
C2 NAG C . -0.36 -16.70 5.81
C3 NAG C . -1.67 -17.44 5.52
C4 NAG C . -2.40 -17.78 6.83
C5 NAG C . -2.52 -16.55 7.72
C6 NAG C . -3.10 -16.88 9.08
C7 NAG C . 1.47 -15.92 4.48
C8 NAG C . 1.93 -15.19 3.22
N2 NAG C . 0.20 -16.25 4.54
O3 NAG C . -1.39 -18.63 4.80
O4 NAG C . -3.72 -18.28 6.52
O5 NAG C . -1.22 -15.97 7.96
O6 NAG C . -2.38 -17.92 9.71
O7 NAG C . 2.28 -16.17 5.37
C1 NAG C . -3.88 -19.66 6.51
C2 NAG C . -5.26 -20.01 7.08
C3 NAG C . -5.56 -21.51 6.93
C4 NAG C . -5.27 -22.00 5.51
C5 NAG C . -3.86 -21.55 5.08
C6 NAG C . -3.55 -21.93 3.65
C7 NAG C . -6.39 -19.18 9.06
C8 NAG C . -7.01 -20.04 10.13
N2 NAG C . -5.28 -19.65 8.49
O3 NAG C . -6.92 -21.76 7.25
O4 NAG C . -5.36 -23.41 5.47
O5 NAG C . -3.76 -20.12 5.17
O6 NAG C . -2.24 -22.48 3.56
O7 NAG C . -6.89 -18.11 8.76
#